data_9CCT
#
_entry.id   9CCT
#
_cell.length_a   1.00
_cell.length_b   1.00
_cell.length_c   1.00
_cell.angle_alpha   90.00
_cell.angle_beta   90.00
_cell.angle_gamma   90.00
#
_symmetry.space_group_name_H-M   'P 1'
#
loop_
_entity.id
_entity.type
_entity.pdbx_description
1 polymer 'Type 1 fimbiral adhesin FimH'
2 polymer 'B7 Fab light chain'
3 polymer 'B7 heavy chain'
#
loop_
_entity_poly.entity_id
_entity_poly.type
_entity_poly.pdbx_seq_one_letter_code
_entity_poly.pdbx_strand_id
1 'polypeptide(L)'
;FACKTANGTAIPIGGGSANVYVNLAPAVNVGQNLVVDLSTQIFCHNDYPETITDYVTLQRGAAYGGVLSSFSGTVKYNGS
SYPFPTTSETPRVVYNSRTDKPWPVALYLTPVSSAGGVAIKAGSLIAVLILRQTNNYNSDDFQFVWNIYANNDVVVPTGG
CDVSARDVTVTLPDYPGSVPIPLTVYCAKSQNLGYYLSGTTADAGNSIFTNTASFSPAQGVGVQLTRNGTIIPANNTVSL
GAVGTSAVSLGLTANYARTGGQVTAGNVQSIIGVTFVYQ
;
A
2 'polypeptide(L)'
;TGVHSQIVLTQSPAIMSASPGEKVTMTCRASSSVSSSYLHWYQQKSGASPKLWIYSSSNLASGVPARFSGSGSGTSYSLT
INSVEAEDAATYYCQHYGSYPLTFGGGTKLEIKRTVAAPSVFIFPPSDEQLKSGTASVVCLLNNFYPREAKVQWKVDNAL
QSGNSQESVTEQDSKDSTYSLSSTLTLSKADYEKHKVYACEVTHQGLSSPVTKSFNRGEC
;
B
3 'polypeptide(L)'
;TGVHSEVQLQQPGAELVRPGASVKMSCKASGYTFTIYNLHWVKQTPRQGLEWIGTIYPGDGDTSYNQKFKGKATLTVDKS
SSTAYMQLSNLTSEDSAVYFCAREGDYGPWFAYWGQGTLVTVSAASTKGPSVFPLAPSSKSTSGGTAALGCLVKDYFPEP
VTVSWNSGALTSGVHTFPAVLQSSGLYSLSSVVTVPSSSLGTQTYICNVNHKPSNTKVDKKVEPKSCRSLVPRGSSGHHH
HHH
;
C
#
# COMPACT_ATOMS: atom_id res chain seq x y z
N PHE A 1 20.69 -29.30 -16.27
CA PHE A 1 20.54 -28.22 -17.24
C PHE A 1 21.48 -27.07 -16.91
N ALA A 2 22.72 -27.17 -17.36
CA ALA A 2 23.74 -26.17 -17.07
C ALA A 2 23.85 -25.19 -18.23
N CYS A 3 23.82 -23.91 -17.93
CA CYS A 3 24.01 -22.85 -18.92
C CYS A 3 25.34 -22.15 -18.69
N LYS A 4 25.95 -21.72 -19.79
CA LYS A 4 27.27 -21.10 -19.77
C LYS A 4 27.24 -19.78 -20.51
N THR A 5 28.24 -18.95 -20.20
CA THR A 5 28.48 -17.70 -20.89
C THR A 5 29.70 -17.86 -21.79
N ALA A 6 29.74 -17.05 -22.85
CA ALA A 6 30.86 -17.12 -23.80
C ALA A 6 32.20 -16.92 -23.10
N ASN A 7 32.25 -16.09 -22.06
CA ASN A 7 33.49 -15.91 -21.32
C ASN A 7 33.94 -17.19 -20.64
N GLY A 8 33.00 -17.91 -20.03
CA GLY A 8 33.32 -19.18 -19.40
C GLY A 8 32.58 -19.44 -18.10
N THR A 9 31.87 -18.45 -17.59
CA THR A 9 31.11 -18.62 -16.36
C THR A 9 29.92 -19.54 -16.60
N ALA A 10 29.59 -20.34 -15.58
CA ALA A 10 28.54 -21.33 -15.69
C ALA A 10 27.62 -21.25 -14.47
N ILE A 11 26.34 -21.51 -14.70
CA ILE A 11 25.32 -21.60 -13.66
C ILE A 11 24.93 -23.06 -13.52
N PRO A 12 25.13 -23.70 -12.37
CA PRO A 12 24.88 -25.14 -12.26
C PRO A 12 23.39 -25.47 -12.23
N ILE A 13 23.08 -26.76 -12.03
CA ILE A 13 21.69 -27.17 -11.93
C ILE A 13 21.05 -26.54 -10.71
N GLY A 14 19.82 -26.07 -10.89
CA GLY A 14 19.12 -25.38 -9.82
C GLY A 14 18.95 -23.91 -10.08
N GLY A 15 19.98 -23.28 -10.66
CA GLY A 15 19.90 -21.87 -11.01
C GLY A 15 21.00 -21.05 -10.40
N GLY A 16 20.78 -19.74 -10.31
CA GLY A 16 21.77 -18.85 -9.76
C GLY A 16 21.87 -17.54 -10.52
N SER A 17 23.09 -17.03 -10.69
CA SER A 17 23.30 -15.78 -11.41
C SER A 17 24.62 -15.86 -12.16
N ALA A 18 24.75 -15.03 -13.19
CA ALA A 18 25.99 -14.97 -13.96
C ALA A 18 26.04 -13.64 -14.69
N ASN A 19 27.01 -12.80 -14.33
CA ASN A 19 27.18 -11.53 -15.01
C ASN A 19 27.66 -11.75 -16.43
N VAL A 20 27.06 -11.01 -17.38
CA VAL A 20 27.41 -11.10 -18.78
C VAL A 20 27.84 -9.72 -19.25
N TYR A 21 29.00 -9.64 -19.89
CA TYR A 21 29.57 -8.38 -20.36
C TYR A 21 29.46 -8.37 -21.88
N VAL A 22 28.50 -7.61 -22.39
CA VAL A 22 28.22 -7.55 -23.82
C VAL A 22 28.79 -6.26 -24.39
N ASN A 23 29.18 -6.31 -25.66
CA ASN A 23 29.78 -5.16 -26.34
C ASN A 23 28.71 -4.48 -27.17
N LEU A 24 28.31 -3.28 -26.74
CA LEU A 24 27.30 -2.50 -27.45
C LEU A 24 27.97 -1.65 -28.54
N ALA A 25 27.14 -1.06 -29.39
CA ALA A 25 27.65 -0.22 -30.45
C ALA A 25 28.30 1.03 -29.85
N PRO A 26 29.40 1.51 -30.45
CA PRO A 26 30.04 2.73 -29.90
C PRO A 26 29.14 3.95 -29.91
N ALA A 27 28.28 4.08 -30.92
CA ALA A 27 27.40 5.23 -31.03
C ALA A 27 26.10 4.79 -31.70
N VAL A 28 24.97 5.23 -31.15
CA VAL A 28 23.65 4.89 -31.65
C VAL A 28 22.89 6.20 -31.85
N ASN A 29 22.87 6.69 -33.08
CA ASN A 29 22.14 7.92 -33.38
C ASN A 29 20.63 7.70 -33.23
N VAL A 30 19.95 8.78 -32.84
CA VAL A 30 18.50 8.69 -32.68
C VAL A 30 17.85 8.38 -34.02
N GLY A 31 16.72 7.68 -33.98
CA GLY A 31 16.09 7.17 -35.17
C GLY A 31 16.63 5.84 -35.64
N GLN A 32 17.76 5.40 -35.11
CA GLN A 32 18.32 4.10 -35.42
C GLN A 32 18.12 3.16 -34.22
N ASN A 33 18.55 1.92 -34.40
CA ASN A 33 18.37 0.87 -33.40
C ASN A 33 19.72 0.39 -32.91
N LEU A 34 19.73 -0.17 -31.70
CA LEU A 34 20.92 -0.76 -31.10
C LEU A 34 20.59 -2.19 -30.73
N VAL A 35 21.40 -3.12 -31.22
CA VAL A 35 21.15 -4.54 -31.07
C VAL A 35 22.07 -5.09 -30.00
N VAL A 36 21.49 -5.64 -28.95
CA VAL A 36 22.24 -6.36 -27.93
C VAL A 36 21.95 -7.84 -28.12
N ASP A 37 22.84 -8.53 -28.83
CA ASP A 37 22.63 -9.94 -29.13
C ASP A 37 23.20 -10.81 -28.01
N LEU A 38 22.37 -11.70 -27.49
CA LEU A 38 22.78 -12.60 -26.42
C LEU A 38 22.86 -14.05 -26.83
N SER A 39 22.36 -14.42 -28.01
CA SER A 39 22.55 -15.78 -28.51
C SER A 39 24.01 -16.09 -28.73
N THR A 40 24.83 -15.06 -28.96
CA THR A 40 26.27 -15.24 -29.12
C THR A 40 27.00 -15.41 -27.79
N GLN A 41 26.34 -15.12 -26.67
CA GLN A 41 26.96 -15.21 -25.36
C GLN A 41 26.36 -16.31 -24.50
N ILE A 42 25.05 -16.29 -24.30
CA ILE A 42 24.40 -17.28 -23.42
C ILE A 42 24.17 -18.55 -24.21
N PHE A 43 24.59 -19.69 -23.65
CA PHE A 43 24.34 -20.99 -24.23
C PHE A 43 23.80 -21.92 -23.16
N CYS A 44 22.99 -22.88 -23.57
CA CYS A 44 22.46 -23.89 -22.66
C CYS A 44 22.43 -25.23 -23.37
N HIS A 45 22.43 -26.30 -22.58
CA HIS A 45 22.40 -27.65 -23.13
C HIS A 45 21.64 -28.57 -22.19
N ASN A 46 21.05 -29.61 -22.76
CA ASN A 46 20.28 -30.57 -21.98
C ASN A 46 21.22 -31.60 -21.34
N ASP A 47 21.07 -31.79 -20.04
CA ASP A 47 21.92 -32.76 -19.34
C ASP A 47 21.68 -34.18 -19.81
N TYR A 48 20.42 -34.57 -19.97
CA TYR A 48 20.04 -35.93 -20.35
C TYR A 48 19.06 -35.86 -21.52
N PRO A 49 19.55 -35.59 -22.72
CA PRO A 49 18.65 -35.46 -23.88
C PRO A 49 17.91 -36.74 -24.23
N GLU A 50 18.40 -37.90 -23.79
CA GLU A 50 17.79 -39.16 -24.19
C GLU A 50 16.36 -39.28 -23.68
N THR A 51 16.14 -39.03 -22.39
CA THR A 51 14.84 -39.27 -21.78
C THR A 51 14.08 -38.01 -21.38
N ILE A 52 14.75 -36.88 -21.19
CA ILE A 52 14.08 -35.67 -20.74
C ILE A 52 14.20 -34.62 -21.84
N THR A 53 13.35 -33.60 -21.74
CA THR A 53 13.36 -32.49 -22.68
C THR A 53 12.99 -31.23 -21.89
N ASP A 54 13.90 -30.27 -21.83
CA ASP A 54 13.69 -29.09 -21.00
C ASP A 54 12.95 -28.01 -21.77
N TYR A 55 12.21 -27.18 -21.04
CA TYR A 55 11.46 -26.07 -21.62
C TYR A 55 12.03 -24.77 -21.06
N VAL A 56 12.47 -23.89 -21.96
CA VAL A 56 13.10 -22.63 -21.56
C VAL A 56 12.23 -21.47 -22.02
N THR A 57 11.93 -20.56 -21.10
CA THR A 57 11.16 -19.36 -21.39
C THR A 57 11.80 -18.17 -20.69
N LEU A 58 11.60 -16.98 -21.27
CA LEU A 58 12.08 -15.74 -20.68
C LEU A 58 10.99 -15.23 -19.75
N GLN A 59 11.13 -15.52 -18.45
CA GLN A 59 10.12 -15.11 -17.48
C GLN A 59 10.03 -13.60 -17.38
N ARG A 60 11.15 -12.93 -17.17
CA ARG A 60 11.17 -11.50 -16.91
C ARG A 60 12.36 -10.86 -17.62
N GLY A 61 12.12 -9.69 -18.20
CA GLY A 61 13.18 -8.86 -18.72
C GLY A 61 13.08 -7.46 -18.15
N ALA A 62 14.06 -7.06 -17.35
CA ALA A 62 14.02 -5.78 -16.66
C ALA A 62 15.17 -4.89 -17.13
N ALA A 63 14.89 -3.60 -17.24
CA ALA A 63 15.87 -2.62 -17.67
C ALA A 63 16.41 -1.88 -16.46
N TYR A 64 17.68 -1.47 -16.54
CA TYR A 64 18.34 -0.76 -15.46
C TYR A 64 19.24 0.31 -16.05
N GLY A 65 19.60 1.28 -15.21
CA GLY A 65 20.55 2.30 -15.60
C GLY A 65 20.02 3.19 -16.72
N GLY A 66 20.94 3.66 -17.56
CA GLY A 66 20.59 4.56 -18.64
C GLY A 66 19.66 3.96 -19.66
N VAL A 67 19.53 2.63 -19.67
CA VAL A 67 18.54 1.99 -20.52
C VAL A 67 17.14 2.35 -20.06
N LEU A 68 16.91 2.32 -18.74
CA LEU A 68 15.57 2.58 -18.21
C LEU A 68 15.07 3.96 -18.63
N SER A 69 15.92 4.97 -18.52
CA SER A 69 15.49 6.33 -18.82
C SER A 69 15.52 6.62 -20.32
N SER A 70 16.69 6.48 -20.94
CA SER A 70 16.87 6.96 -22.31
C SER A 70 16.47 5.92 -23.36
N PHE A 71 16.58 4.64 -23.06
CA PHE A 71 16.49 3.59 -24.08
C PHE A 71 15.34 2.62 -23.76
N SER A 72 14.13 2.96 -24.20
CA SER A 72 12.98 2.08 -24.05
C SER A 72 12.77 1.32 -25.35
N GLY A 73 12.73 -0.01 -25.26
CA GLY A 73 12.69 -0.82 -26.46
C GLY A 73 12.00 -2.16 -26.36
N THR A 74 12.45 -3.12 -27.17
CA THR A 74 11.79 -4.42 -27.30
C THR A 74 12.80 -5.55 -27.11
N VAL A 75 12.27 -6.76 -27.01
CA VAL A 75 13.05 -7.97 -26.86
C VAL A 75 12.54 -9.00 -27.87
N LYS A 76 13.47 -9.60 -28.61
CA LYS A 76 13.14 -10.61 -29.60
C LYS A 76 13.54 -11.98 -29.08
N TYR A 77 12.56 -12.87 -28.97
CA TYR A 77 12.77 -14.24 -28.52
C TYR A 77 12.20 -15.17 -29.57
N ASN A 78 13.07 -15.97 -30.19
CA ASN A 78 12.66 -16.99 -31.15
C ASN A 78 11.81 -16.40 -32.27
N GLY A 79 12.15 -15.19 -32.69
CA GLY A 79 11.45 -14.52 -33.77
C GLY A 79 10.23 -13.73 -33.37
N SER A 80 9.87 -13.71 -32.08
CA SER A 80 8.70 -12.98 -31.60
C SER A 80 9.16 -11.78 -30.78
N SER A 81 8.58 -10.62 -31.07
CA SER A 81 8.97 -9.38 -30.41
C SER A 81 7.97 -9.02 -29.30
N TYR A 82 8.51 -8.56 -28.18
CA TYR A 82 7.74 -8.23 -26.98
C TYR A 82 8.30 -6.93 -26.42
N PRO A 83 7.52 -6.24 -25.59
CA PRO A 83 8.03 -5.00 -24.98
C PRO A 83 9.15 -5.28 -24.00
N PHE A 84 9.92 -4.24 -23.69
CA PHE A 84 11.01 -4.35 -22.72
C PHE A 84 11.10 -3.04 -21.93
N PRO A 85 10.94 -3.06 -20.60
CA PRO A 85 10.75 -4.20 -19.69
C PRO A 85 9.57 -5.10 -20.04
N THR A 86 9.74 -6.41 -19.92
CA THR A 86 8.75 -7.36 -20.40
C THR A 86 7.48 -7.29 -19.57
N THR A 87 6.37 -7.70 -20.18
CA THR A 87 5.07 -7.68 -19.54
C THR A 87 4.33 -9.00 -19.62
N SER A 88 4.91 -10.03 -20.24
CA SER A 88 4.23 -11.30 -20.38
C SER A 88 5.26 -12.42 -20.45
N GLU A 89 4.79 -13.64 -20.26
CA GLU A 89 5.64 -14.83 -20.37
C GLU A 89 5.82 -15.19 -21.84
N THR A 90 7.07 -15.27 -22.28
CA THR A 90 7.37 -15.68 -23.63
C THR A 90 7.09 -17.17 -23.80
N PRO A 91 6.87 -17.63 -25.04
CA PRO A 91 6.59 -19.06 -25.24
C PRO A 91 7.78 -19.94 -24.90
N ARG A 92 7.55 -21.25 -24.82
CA ARG A 92 8.61 -22.18 -24.45
C ARG A 92 9.51 -22.48 -25.64
N VAL A 93 10.70 -22.99 -25.33
CA VAL A 93 11.63 -23.50 -26.33
C VAL A 93 12.13 -24.86 -25.86
N VAL A 94 12.15 -25.82 -26.76
CA VAL A 94 12.50 -27.20 -26.43
C VAL A 94 14.02 -27.35 -26.47
N TYR A 95 14.57 -27.98 -25.43
CA TYR A 95 15.99 -28.33 -25.38
C TYR A 95 16.09 -29.84 -25.14
N ASN A 96 16.41 -30.58 -26.21
CA ASN A 96 16.71 -32.01 -26.14
C ASN A 96 17.99 -32.26 -26.93
N SER A 97 19.13 -31.96 -26.31
CA SER A 97 20.43 -32.16 -26.94
C SER A 97 21.56 -32.01 -25.92
N ARG A 98 22.56 -32.89 -25.98
CA ARG A 98 23.73 -32.71 -25.14
C ARG A 98 24.61 -31.56 -25.63
N THR A 99 24.47 -31.16 -26.89
CA THR A 99 25.25 -30.06 -27.43
C THR A 99 24.71 -28.72 -26.91
N ASP A 100 25.59 -27.73 -26.86
CA ASP A 100 25.24 -26.41 -26.34
C ASP A 100 24.52 -25.62 -27.42
N LYS A 101 23.25 -25.33 -27.20
CA LYS A 101 22.40 -24.55 -28.09
C LYS A 101 22.18 -23.15 -27.53
N PRO A 102 22.21 -22.13 -28.38
CA PRO A 102 22.11 -20.75 -27.88
C PRO A 102 20.75 -20.47 -27.23
N TRP A 103 20.66 -19.29 -26.64
CA TRP A 103 19.42 -18.76 -26.09
C TRP A 103 18.99 -17.57 -26.92
N PRO A 104 18.00 -17.72 -27.80
CA PRO A 104 17.70 -16.65 -28.77
C PRO A 104 17.03 -15.45 -28.15
N VAL A 105 17.79 -14.66 -27.40
CA VAL A 105 17.31 -13.41 -26.82
C VAL A 105 18.11 -12.27 -27.44
N ALA A 106 17.41 -11.30 -28.02
CA ALA A 106 18.07 -10.16 -28.67
C ALA A 106 17.35 -8.88 -28.24
N LEU A 107 18.04 -8.04 -27.49
CA LEU A 107 17.46 -6.76 -27.10
C LEU A 107 17.57 -5.76 -28.25
N TYR A 108 16.48 -5.04 -28.51
CA TYR A 108 16.45 -4.01 -29.55
C TYR A 108 16.09 -2.70 -28.85
N LEU A 109 17.09 -1.85 -28.62
CA LEU A 109 16.90 -0.62 -27.88
C LEU A 109 17.06 0.57 -28.80
N THR A 110 16.10 1.49 -28.74
CA THR A 110 16.16 2.67 -29.58
C THR A 110 16.19 3.93 -28.72
N PRO A 111 17.00 4.92 -29.08
CA PRO A 111 17.06 6.15 -28.28
C PRO A 111 15.80 6.97 -28.44
N VAL A 112 15.29 7.46 -27.30
CA VAL A 112 14.18 8.40 -27.29
C VAL A 112 14.71 9.77 -27.68
N SER A 113 13.82 10.73 -27.93
CA SER A 113 14.22 12.05 -28.42
C SER A 113 15.13 12.79 -27.45
N SER A 114 15.38 12.25 -26.26
CA SER A 114 16.30 12.90 -25.32
C SER A 114 17.72 12.89 -25.89
N ALA A 115 18.45 13.96 -25.60
CA ALA A 115 19.84 14.05 -26.08
C ALA A 115 20.70 12.95 -25.47
N GLY A 116 20.55 12.69 -24.17
CA GLY A 116 21.27 11.60 -23.53
C GLY A 116 22.72 11.81 -23.19
N GLY A 117 23.51 12.31 -24.15
CA GLY A 117 24.94 12.43 -23.94
C GLY A 117 25.58 11.06 -23.83
N VAL A 118 26.02 10.70 -22.62
CA VAL A 118 26.47 9.33 -22.34
C VAL A 118 25.23 8.56 -21.87
N ALA A 119 24.56 7.92 -22.83
CA ALA A 119 23.33 7.21 -22.52
C ALA A 119 23.57 6.05 -21.57
N ILE A 120 24.63 5.29 -21.82
CA ILE A 120 24.95 4.09 -21.03
C ILE A 120 26.36 4.23 -20.50
N LYS A 121 26.53 3.97 -19.21
CA LYS A 121 27.83 4.03 -18.56
C LYS A 121 28.50 2.67 -18.60
N ALA A 122 29.80 2.67 -18.91
CA ALA A 122 30.55 1.42 -18.96
C ALA A 122 30.56 0.76 -17.58
N GLY A 123 30.26 -0.52 -17.54
CA GLY A 123 30.23 -1.27 -16.31
C GLY A 123 28.93 -1.22 -15.54
N SER A 124 27.95 -0.45 -16.02
CA SER A 124 26.68 -0.34 -15.33
C SER A 124 25.74 -1.47 -15.74
N LEU A 125 24.71 -1.68 -14.94
CA LEU A 125 23.71 -2.71 -15.22
C LEU A 125 22.72 -2.18 -16.26
N ILE A 126 22.65 -2.84 -17.41
CA ILE A 126 21.76 -2.43 -18.48
C ILE A 126 20.60 -3.38 -18.69
N ALA A 127 20.69 -4.63 -18.20
CA ALA A 127 19.55 -5.52 -18.34
C ALA A 127 19.64 -6.62 -17.30
N VAL A 128 18.50 -7.23 -17.00
CA VAL A 128 18.43 -8.45 -16.20
C VAL A 128 17.37 -9.34 -16.82
N LEU A 129 17.76 -10.54 -17.23
CA LEU A 129 16.85 -11.45 -17.91
C LEU A 129 16.79 -12.78 -17.16
N ILE A 130 15.57 -13.30 -17.02
CA ILE A 130 15.32 -14.50 -16.24
C ILE A 130 14.91 -15.63 -17.18
N LEU A 131 15.68 -16.71 -17.16
CA LEU A 131 15.34 -17.96 -17.82
C LEU A 131 14.63 -18.86 -16.83
N ARG A 132 13.60 -19.57 -17.32
CA ARG A 132 12.90 -20.54 -16.50
C ARG A 132 12.95 -21.89 -17.18
N GLN A 133 13.34 -22.91 -16.42
CA GLN A 133 13.42 -24.28 -16.93
C GLN A 133 12.52 -25.17 -16.08
N THR A 134 11.49 -25.73 -16.71
CA THR A 134 10.64 -26.75 -16.14
C THR A 134 10.61 -27.93 -17.10
N ASN A 135 10.96 -29.11 -16.60
CA ASN A 135 11.10 -30.29 -17.44
C ASN A 135 9.81 -31.09 -17.48
N ASN A 136 9.69 -31.90 -18.53
CA ASN A 136 8.61 -32.88 -18.62
C ASN A 136 8.99 -34.22 -17.97
N TYR A 137 9.56 -34.11 -16.78
CA TYR A 137 10.03 -35.28 -16.04
C TYR A 137 9.48 -35.32 -14.62
N ASN A 138 9.35 -34.17 -13.95
CA ASN A 138 8.81 -34.11 -12.61
C ASN A 138 8.42 -32.67 -12.31
N SER A 139 7.97 -32.43 -11.08
CA SER A 139 7.63 -31.07 -10.65
C SER A 139 8.92 -30.28 -10.50
N ASP A 140 9.24 -29.49 -11.51
CA ASP A 140 10.52 -28.82 -11.60
C ASP A 140 10.36 -27.36 -11.97
N ASP A 141 11.21 -26.51 -11.38
CA ASP A 141 11.23 -25.08 -11.73
C ASP A 141 12.58 -24.51 -11.29
N PHE A 142 13.43 -24.19 -12.24
CA PHE A 142 14.67 -23.47 -11.96
C PHE A 142 14.71 -22.13 -12.68
N GLN A 143 15.33 -21.15 -12.02
CA GLN A 143 15.47 -19.80 -12.52
C GLN A 143 16.94 -19.49 -12.73
N PHE A 144 17.29 -19.00 -13.92
CA PHE A 144 18.64 -18.62 -14.29
C PHE A 144 18.63 -17.13 -14.63
N VAL A 145 19.24 -16.31 -13.79
CA VAL A 145 19.19 -14.86 -14.00
C VAL A 145 20.53 -14.39 -14.56
N TRP A 146 20.46 -13.54 -15.58
CA TRP A 146 21.65 -13.00 -16.23
C TRP A 146 21.60 -11.49 -16.10
N ASN A 147 22.67 -10.92 -15.54
CA ASN A 147 22.84 -9.48 -15.46
C ASN A 147 23.72 -9.03 -16.63
N ILE A 148 23.16 -8.20 -17.49
CA ILE A 148 23.84 -7.74 -18.69
C ILE A 148 24.36 -6.34 -18.42
N TYR A 149 25.68 -6.20 -18.47
CA TYR A 149 26.40 -4.95 -18.35
C TYR A 149 26.86 -4.47 -19.73
N ALA A 150 27.36 -3.23 -19.77
CA ALA A 150 27.88 -2.64 -20.99
C ALA A 150 29.36 -2.35 -20.81
N ASN A 151 30.18 -2.84 -21.74
CA ASN A 151 31.62 -2.62 -21.66
C ASN A 151 32.01 -1.22 -22.08
N ASN A 152 31.33 -0.64 -23.06
CA ASN A 152 31.70 0.67 -23.59
C ASN A 152 30.51 1.61 -23.51
N ASP A 153 30.82 2.90 -23.35
CA ASP A 153 29.76 3.91 -23.27
C ASP A 153 29.07 4.07 -24.62
N VAL A 154 27.75 4.00 -24.61
CA VAL A 154 26.95 4.14 -25.82
C VAL A 154 26.51 5.60 -25.90
N VAL A 155 27.34 6.42 -26.54
CA VAL A 155 27.07 7.84 -26.66
C VAL A 155 26.06 8.07 -27.77
N VAL A 156 25.01 8.84 -27.48
CA VAL A 156 24.02 9.22 -28.47
C VAL A 156 24.41 10.59 -29.03
N PRO A 157 24.68 10.70 -30.34
CA PRO A 157 24.94 12.00 -30.93
C PRO A 157 23.89 13.04 -30.53
N THR A 158 24.36 14.23 -30.19
CA THR A 158 23.46 15.30 -29.81
C THR A 158 22.71 15.85 -31.02
N GLY A 159 23.42 16.07 -32.13
CA GLY A 159 22.81 16.59 -33.34
C GLY A 159 23.05 15.70 -34.54
N GLN B 6 9.17 15.56 -17.74
CA GLN B 6 8.69 14.30 -17.17
C GLN B 6 7.22 14.08 -17.50
N ILE B 7 6.81 12.82 -17.55
CA ILE B 7 5.43 12.45 -17.87
C ILE B 7 4.63 12.43 -16.58
N VAL B 8 3.61 13.26 -16.50
CA VAL B 8 2.78 13.37 -15.30
C VAL B 8 1.43 12.72 -15.59
N LEU B 9 0.76 12.31 -14.51
CA LEU B 9 -0.55 11.67 -14.60
C LEU B 9 -1.55 12.53 -13.83
N THR B 10 -2.66 12.86 -14.48
CA THR B 10 -3.74 13.63 -13.87
C THR B 10 -4.99 12.75 -13.86
N GLN B 11 -5.44 12.39 -12.67
CA GLN B 11 -6.70 11.68 -12.53
C GLN B 11 -7.84 12.70 -12.51
N SER B 12 -8.76 12.57 -13.47
CA SER B 12 -9.73 13.62 -13.73
C SER B 12 -10.71 13.84 -12.58
N PRO B 13 -11.54 12.84 -12.20
CA PRO B 13 -12.63 13.14 -11.25
C PRO B 13 -12.13 13.49 -9.85
N ALA B 14 -11.39 12.56 -9.25
CA ALA B 14 -10.82 12.66 -7.90
C ALA B 14 -11.89 12.56 -6.82
N ILE B 15 -13.16 12.60 -7.23
CA ILE B 15 -14.32 12.43 -6.35
C ILE B 15 -15.47 11.92 -7.21
N MET B 16 -16.11 10.83 -6.79
CA MET B 16 -17.25 10.27 -7.51
C MET B 16 -18.33 9.82 -6.54
N SER B 17 -19.47 9.43 -7.11
CA SER B 17 -20.62 8.99 -6.34
C SER B 17 -21.41 8.02 -7.20
N ALA B 18 -21.28 6.73 -6.91
CA ALA B 18 -21.89 5.68 -7.72
C ALA B 18 -22.92 4.93 -6.89
N SER B 19 -24.11 4.76 -7.45
CA SER B 19 -25.16 4.00 -6.78
C SER B 19 -24.77 2.52 -6.75
N PRO B 20 -25.36 1.74 -5.84
CA PRO B 20 -24.92 0.34 -5.69
C PRO B 20 -25.24 -0.55 -6.90
N GLY B 21 -25.72 0.03 -7.99
CA GLY B 21 -25.99 -0.78 -9.16
C GLY B 21 -25.70 -0.14 -10.51
N GLU B 22 -24.89 0.91 -10.54
CA GLU B 22 -24.68 1.66 -11.77
C GLU B 22 -23.22 1.56 -12.22
N LYS B 23 -22.93 2.18 -13.36
CA LYS B 23 -21.61 2.17 -13.96
C LYS B 23 -20.82 3.39 -13.49
N VAL B 24 -19.50 3.34 -13.73
CA VAL B 24 -18.61 4.44 -13.36
C VAL B 24 -17.38 4.34 -14.23
N THR B 25 -16.76 5.48 -14.52
CA THR B 25 -15.58 5.54 -15.36
C THR B 25 -14.61 6.56 -14.80
N MET B 26 -13.33 6.18 -14.70
CA MET B 26 -12.31 6.99 -14.05
C MET B 26 -11.15 7.16 -15.02
N THR B 27 -10.97 8.37 -15.53
CA THR B 27 -9.92 8.65 -16.51
C THR B 27 -8.61 8.98 -15.80
N CYS B 28 -7.50 8.67 -16.47
CA CYS B 28 -6.16 9.00 -15.97
C CYS B 28 -5.36 9.53 -17.17
N ARG B 29 -5.40 10.85 -17.36
CA ARG B 29 -4.74 11.47 -18.50
C ARG B 29 -3.24 11.54 -18.27
N ALA B 30 -2.47 11.31 -19.32
CA ALA B 30 -1.02 11.43 -19.27
C ALA B 30 -0.57 12.72 -19.96
N SER B 31 0.54 13.28 -19.48
CA SER B 31 1.08 14.48 -20.09
C SER B 31 1.49 14.23 -21.53
N SER B 32 2.11 13.08 -21.79
CA SER B 32 2.51 12.69 -23.14
C SER B 32 2.08 11.24 -23.38
N SER B 33 2.16 10.82 -24.64
CA SER B 33 1.75 9.47 -24.99
C SER B 33 2.61 8.44 -24.28
N VAL B 34 1.99 7.32 -23.91
CA VAL B 34 2.62 6.28 -23.12
C VAL B 34 2.27 4.94 -23.74
N SER B 35 3.24 4.03 -23.77
CA SER B 35 2.95 2.66 -24.21
C SER B 35 1.89 2.05 -23.30
N SER B 36 0.86 1.46 -23.92
CA SER B 36 -0.32 1.03 -23.18
C SER B 36 -0.03 -0.15 -22.24
N SER B 37 1.12 -0.78 -22.35
CA SER B 37 1.46 -1.92 -21.51
C SER B 37 2.08 -1.53 -20.18
N TYR B 38 2.29 -0.23 -19.94
CA TYR B 38 2.99 0.23 -18.74
C TYR B 38 2.13 1.04 -17.79
N LEU B 39 0.82 1.10 -18.00
CA LEU B 39 -0.08 1.78 -17.08
C LEU B 39 -0.82 0.74 -16.25
N HIS B 40 -0.75 0.87 -14.93
CA HIS B 40 -1.39 -0.07 -14.02
C HIS B 40 -2.23 0.66 -13.00
N TRP B 41 -3.37 0.07 -12.68
CA TRP B 41 -4.32 0.62 -11.72
C TRP B 41 -4.27 -0.19 -10.43
N TYR B 42 -4.13 0.52 -9.31
CA TYR B 42 -4.10 -0.08 -7.98
C TYR B 42 -5.26 0.46 -7.16
N GLN B 43 -5.80 -0.40 -6.30
CA GLN B 43 -6.88 -0.02 -5.39
C GLN B 43 -6.36 -0.04 -3.96
N GLN B 44 -6.52 1.06 -3.26
CA GLN B 44 -6.17 1.17 -1.84
C GLN B 44 -7.42 1.59 -1.09
N LYS B 45 -7.96 0.67 -0.29
CA LYS B 45 -8.98 1.06 0.66
C LYS B 45 -8.33 1.84 1.80
N SER B 46 -9.02 2.88 2.26
CA SER B 46 -8.44 3.79 3.25
C SER B 46 -7.99 3.02 4.48
N GLY B 47 -6.80 3.33 4.97
CA GLY B 47 -6.22 2.60 6.07
C GLY B 47 -5.75 1.21 5.71
N ALA B 48 -5.15 1.05 4.54
CA ALA B 48 -4.65 -0.24 4.09
C ALA B 48 -3.59 0.00 3.02
N SER B 49 -2.97 -1.09 2.56
CA SER B 49 -1.92 -1.00 1.57
C SER B 49 -2.49 -1.23 0.17
N PRO B 50 -1.96 -0.53 -0.84
CA PRO B 50 -2.47 -0.71 -2.20
C PRO B 50 -2.26 -2.12 -2.71
N LYS B 51 -3.22 -2.59 -3.49
CA LYS B 51 -3.17 -3.91 -4.10
C LYS B 51 -3.29 -3.78 -5.61
N LEU B 52 -2.53 -4.60 -6.33
CA LEU B 52 -2.63 -4.61 -7.79
C LEU B 52 -4.06 -4.94 -8.22
N TRP B 53 -4.60 -4.14 -9.12
CA TRP B 53 -5.96 -4.34 -9.60
C TRP B 53 -6.02 -4.56 -11.10
N ILE B 54 -5.29 -3.79 -11.89
CA ILE B 54 -5.24 -3.98 -13.33
C ILE B 54 -3.82 -3.69 -13.82
N TYR B 55 -3.28 -4.60 -14.63
CA TYR B 55 -1.96 -4.40 -15.23
C TYR B 55 -2.09 -4.45 -16.75
N SER B 56 -1.12 -3.82 -17.42
CA SER B 56 -1.11 -3.63 -18.86
C SER B 56 -2.37 -2.93 -19.37
N SER B 57 -3.07 -2.22 -18.49
CA SER B 57 -4.18 -1.33 -18.82
C SER B 57 -5.44 -2.09 -19.26
N SER B 58 -5.35 -3.39 -19.42
CA SER B 58 -6.52 -4.18 -19.79
C SER B 58 -6.72 -5.41 -18.91
N ASN B 59 -5.64 -6.07 -18.51
CA ASN B 59 -5.74 -7.32 -17.79
C ASN B 59 -6.20 -7.08 -16.35
N LEU B 60 -6.65 -8.15 -15.72
CA LEU B 60 -7.19 -8.11 -14.36
C LEU B 60 -6.26 -8.89 -13.43
N ALA B 61 -5.97 -8.31 -12.28
CA ALA B 61 -5.07 -8.96 -11.33
C ALA B 61 -5.75 -10.18 -10.70
N SER B 62 -4.95 -10.96 -9.99
CA SER B 62 -5.45 -12.20 -9.40
C SER B 62 -6.42 -11.89 -8.26
N GLY B 63 -7.60 -12.54 -8.31
CA GLY B 63 -8.61 -12.39 -7.30
C GLY B 63 -9.58 -11.25 -7.50
N VAL B 64 -9.25 -10.31 -8.38
CA VAL B 64 -10.12 -9.15 -8.61
C VAL B 64 -11.44 -9.62 -9.24
N PRO B 65 -12.57 -9.06 -8.84
CA PRO B 65 -13.84 -9.37 -9.53
C PRO B 65 -13.78 -8.95 -10.99
N ALA B 66 -14.52 -9.66 -11.83
CA ALA B 66 -14.52 -9.45 -13.26
C ALA B 66 -15.33 -8.23 -13.70
N ARG B 67 -15.76 -7.39 -12.76
CA ARG B 67 -16.48 -6.18 -13.13
C ARG B 67 -15.56 -5.11 -13.71
N PHE B 68 -14.37 -4.95 -13.14
CA PHE B 68 -13.44 -3.93 -13.61
C PHE B 68 -12.91 -4.30 -14.99
N SER B 69 -12.90 -3.33 -15.89
CA SER B 69 -12.48 -3.55 -17.28
C SER B 69 -11.73 -2.31 -17.75
N GLY B 70 -10.40 -2.36 -17.64
CA GLY B 70 -9.59 -1.26 -18.12
C GLY B 70 -9.57 -1.18 -19.63
N SER B 71 -9.38 0.03 -20.14
CA SER B 71 -9.33 0.26 -21.58
C SER B 71 -8.45 1.46 -21.83
N GLY B 72 -8.53 2.01 -23.04
CA GLY B 72 -7.79 3.21 -23.35
C GLY B 72 -6.35 2.93 -23.74
N SER B 73 -5.83 3.77 -24.63
CA SER B 73 -4.44 3.65 -25.08
C SER B 73 -3.91 5.04 -25.39
N GLY B 74 -2.58 5.16 -25.35
CA GLY B 74 -1.93 6.39 -25.73
C GLY B 74 -1.89 7.45 -24.65
N THR B 75 -3.01 8.13 -24.41
CA THR B 75 -3.00 9.28 -23.50
C THR B 75 -4.19 9.34 -22.55
N SER B 76 -5.26 8.60 -22.77
CA SER B 76 -6.49 8.74 -21.98
C SER B 76 -6.97 7.39 -21.48
N TYR B 77 -6.06 6.63 -20.88
CA TYR B 77 -6.43 5.35 -20.27
C TYR B 77 -7.44 5.59 -19.16
N SER B 78 -8.43 4.70 -19.07
CA SER B 78 -9.54 4.89 -18.15
C SER B 78 -9.85 3.57 -17.46
N LEU B 79 -10.98 3.53 -16.77
CA LEU B 79 -11.41 2.36 -16.02
C LEU B 79 -12.93 2.29 -16.09
N THR B 80 -13.47 1.12 -15.80
CA THR B 80 -14.92 0.93 -15.84
C THR B 80 -15.32 -0.13 -14.82
N ILE B 81 -16.15 0.25 -13.86
CA ILE B 81 -16.81 -0.68 -12.96
C ILE B 81 -18.25 -0.80 -13.40
N ASN B 82 -18.70 -2.01 -13.70
CA ASN B 82 -20.00 -2.21 -14.33
C ASN B 82 -21.12 -2.26 -13.29
N SER B 83 -21.06 -3.21 -12.38
CA SER B 83 -22.03 -3.34 -11.29
C SER B 83 -21.32 -2.88 -10.01
N VAL B 84 -21.38 -1.58 -9.74
CA VAL B 84 -20.65 -1.00 -8.62
C VAL B 84 -21.22 -1.58 -7.33
N GLU B 85 -20.39 -2.31 -6.60
CA GLU B 85 -20.78 -2.88 -5.32
C GLU B 85 -20.29 -1.99 -4.18
N ALA B 86 -20.74 -2.32 -2.96
CA ALA B 86 -20.33 -1.54 -1.80
C ALA B 86 -18.86 -1.69 -1.50
N GLU B 87 -18.23 -2.77 -1.99
CA GLU B 87 -16.83 -3.06 -1.68
C GLU B 87 -15.85 -2.38 -2.62
N ASP B 88 -16.32 -1.57 -3.57
CA ASP B 88 -15.43 -0.83 -4.46
C ASP B 88 -15.19 0.61 -4.02
N ALA B 89 -15.54 0.95 -2.78
CA ALA B 89 -15.27 2.28 -2.24
C ALA B 89 -13.83 2.32 -1.77
N ALA B 90 -12.96 2.90 -2.59
CA ALA B 90 -11.54 2.98 -2.28
C ALA B 90 -10.94 4.09 -3.14
N THR B 91 -9.61 4.17 -3.14
CA THR B 91 -8.88 5.12 -3.97
C THR B 91 -8.10 4.35 -5.02
N TYR B 92 -8.28 4.73 -6.28
CA TYR B 92 -7.67 4.01 -7.40
C TYR B 92 -6.60 4.89 -8.04
N TYR B 93 -5.39 4.37 -8.14
CA TYR B 93 -4.23 5.10 -8.62
C TYR B 93 -3.74 4.48 -9.93
N CYS B 94 -3.18 5.31 -10.79
CA CYS B 94 -2.55 4.85 -12.01
C CYS B 94 -1.05 5.11 -11.96
N GLN B 95 -0.27 4.14 -12.40
CA GLN B 95 1.19 4.23 -12.40
C GLN B 95 1.73 3.88 -13.77
N HIS B 96 2.67 4.68 -14.25
CA HIS B 96 3.36 4.47 -15.53
C HIS B 96 4.80 4.08 -15.20
N TYR B 97 5.09 2.79 -15.26
CA TYR B 97 6.41 2.26 -14.95
C TYR B 97 7.05 1.78 -16.24
N GLY B 98 8.24 2.28 -16.54
CA GLY B 98 8.95 1.90 -17.74
C GLY B 98 9.65 3.06 -18.43
N SER B 99 9.57 4.24 -17.81
CA SER B 99 10.27 5.42 -18.32
C SER B 99 11.38 5.90 -17.40
N TYR B 100 11.29 5.61 -16.09
CA TYR B 100 12.20 5.86 -14.96
C TYR B 100 11.67 6.92 -14.00
N PRO B 101 11.21 8.08 -14.45
CA PRO B 101 10.63 9.03 -13.48
C PRO B 101 9.43 8.48 -12.73
N LEU B 102 8.70 7.54 -13.33
CA LEU B 102 7.50 6.95 -12.75
C LEU B 102 6.44 8.02 -12.48
N THR B 103 5.28 7.59 -11.99
CA THR B 103 4.21 8.50 -11.61
C THR B 103 3.14 7.72 -10.84
N PHE B 104 2.47 8.39 -9.91
CA PHE B 104 1.29 7.87 -9.23
C PHE B 104 0.21 8.93 -9.18
N GLY B 105 -0.02 9.57 -10.32
CA GLY B 105 -0.81 10.80 -10.40
C GLY B 105 -2.15 10.81 -9.70
N GLY B 106 -2.26 11.66 -8.68
CA GLY B 106 -3.52 11.92 -8.02
C GLY B 106 -4.14 10.67 -7.45
N GLY B 107 -5.47 10.65 -7.46
CA GLY B 107 -6.23 9.51 -6.98
C GLY B 107 -7.71 9.80 -7.00
N THR B 108 -8.53 8.79 -7.28
CA THR B 108 -9.98 8.94 -7.34
C THR B 108 -10.60 8.13 -6.20
N LYS B 109 -11.32 8.82 -5.33
CA LYS B 109 -11.95 8.21 -4.17
C LYS B 109 -13.41 7.95 -4.51
N LEU B 110 -13.74 6.71 -4.85
CA LEU B 110 -15.11 6.35 -5.12
C LEU B 110 -15.93 6.35 -3.84
N GLU B 111 -17.15 6.86 -3.93
CA GLU B 111 -18.09 6.88 -2.81
C GLU B 111 -19.38 6.21 -3.25
N ILE B 112 -19.80 5.19 -2.50
CA ILE B 112 -21.02 4.45 -2.82
C ILE B 112 -22.18 5.09 -2.08
N LYS B 113 -23.26 5.36 -2.80
CA LYS B 113 -24.37 6.16 -2.30
C LYS B 113 -25.59 5.27 -2.07
N ARG B 114 -25.92 5.04 -0.81
CA ARG B 114 -27.18 4.40 -0.46
C ARG B 114 -28.22 5.50 -0.21
N THR B 115 -29.42 5.12 0.22
CA THR B 115 -30.52 6.09 0.22
C THR B 115 -30.48 7.00 1.45
N VAL B 116 -30.73 6.44 2.63
CA VAL B 116 -30.88 7.21 3.87
C VAL B 116 -30.67 6.25 5.03
N ALA B 117 -29.98 6.71 6.05
CA ALA B 117 -29.81 5.94 7.28
C ALA B 117 -30.09 6.82 8.48
N ALA B 118 -30.66 6.21 9.51
CA ALA B 118 -30.98 6.90 10.75
C ALA B 118 -29.89 6.62 11.78
N PRO B 119 -29.16 7.63 12.24
CA PRO B 119 -28.10 7.38 13.22
C PRO B 119 -28.65 6.74 14.49
N SER B 120 -27.89 5.80 15.03
CA SER B 120 -28.22 5.14 16.29
C SER B 120 -27.39 5.84 17.37
N VAL B 121 -28.05 6.73 18.11
CA VAL B 121 -27.33 7.62 19.02
C VAL B 121 -27.14 6.93 20.36
N PHE B 122 -25.92 6.96 20.86
CA PHE B 122 -25.55 6.30 22.11
C PHE B 122 -24.71 7.24 22.94
N ILE B 123 -24.74 7.07 24.26
CA ILE B 123 -23.96 7.91 25.15
C ILE B 123 -23.19 7.03 26.13
N PHE B 124 -21.97 7.46 26.47
CA PHE B 124 -21.13 6.75 27.42
C PHE B 124 -20.45 7.78 28.31
N PRO B 125 -20.62 7.67 29.63
CA PRO B 125 -19.97 8.61 30.54
C PRO B 125 -18.60 8.09 30.96
N PRO B 126 -17.73 8.98 31.46
CA PRO B 126 -16.44 8.49 32.01
C PRO B 126 -16.67 7.59 33.20
N SER B 127 -15.84 6.57 33.31
CA SER B 127 -15.92 5.64 34.43
C SER B 127 -15.04 6.15 35.59
N ASP B 128 -14.92 5.34 36.63
CA ASP B 128 -14.12 5.73 37.79
C ASP B 128 -12.64 5.80 37.42
N GLU B 129 -12.19 4.89 36.56
CA GLU B 129 -10.78 4.86 36.16
C GLU B 129 -10.34 6.21 35.59
N GLN B 130 -11.13 6.75 34.67
CA GLN B 130 -10.80 8.06 34.11
C GLN B 130 -11.05 9.18 35.11
N LEU B 131 -12.02 8.99 36.01
CA LEU B 131 -12.29 9.99 37.03
C LEU B 131 -11.10 10.20 37.95
N LYS B 132 -10.34 9.14 38.23
CA LYS B 132 -9.16 9.29 39.09
C LYS B 132 -8.14 10.23 38.46
N SER B 133 -7.88 10.09 37.16
CA SER B 133 -6.82 10.85 36.51
C SER B 133 -7.31 12.20 35.98
N GLY B 134 -7.99 12.96 36.83
CA GLY B 134 -8.39 14.32 36.55
C GLY B 134 -9.00 14.60 35.18
N THR B 135 -9.68 13.61 34.60
CA THR B 135 -10.29 13.77 33.29
C THR B 135 -11.66 13.09 33.29
N ALA B 136 -12.62 13.71 32.62
CA ALA B 136 -14.00 13.22 32.58
C ALA B 136 -14.55 13.28 31.15
N SER B 137 -13.79 12.75 30.21
CA SER B 137 -14.24 12.73 28.81
C SER B 137 -15.51 11.92 28.68
N VAL B 138 -16.50 12.49 28.00
CA VAL B 138 -17.78 11.83 27.74
C VAL B 138 -17.90 11.60 26.24
N VAL B 139 -18.30 10.41 25.84
CA VAL B 139 -18.27 10.02 24.43
C VAL B 139 -19.68 9.74 23.93
N CYS B 140 -20.07 10.41 22.86
CA CYS B 140 -21.35 10.23 22.20
C CYS B 140 -21.10 9.50 20.89
N LEU B 141 -21.74 8.35 20.72
CA LEU B 141 -21.59 7.50 19.55
C LEU B 141 -22.73 7.77 18.58
N LEU B 142 -22.38 7.88 17.30
CA LEU B 142 -23.34 8.04 16.22
C LEU B 142 -23.11 6.85 15.30
N ASN B 143 -23.98 5.84 15.38
CA ASN B 143 -23.78 4.61 14.63
C ASN B 143 -24.12 4.81 13.17
N ASN B 144 -24.24 3.72 12.41
CA ASN B 144 -24.37 3.73 10.96
C ASN B 144 -25.33 4.81 10.49
N PHE B 145 -24.82 5.73 9.68
CA PHE B 145 -25.64 6.81 9.13
C PHE B 145 -25.10 7.22 7.76
N TYR B 146 -26.00 7.69 6.90
CA TYR B 146 -25.65 8.20 5.58
C TYR B 146 -26.59 9.36 5.28
N PRO B 147 -26.07 10.47 4.74
CA PRO B 147 -24.69 10.74 4.35
C PRO B 147 -23.83 11.34 5.46
N ARG B 148 -22.69 11.93 5.09
CA ARG B 148 -21.74 12.48 6.05
C ARG B 148 -22.16 13.83 6.61
N GLU B 149 -23.41 14.25 6.37
CA GLU B 149 -23.93 15.48 6.98
C GLU B 149 -24.35 15.11 8.40
N ALA B 150 -23.42 15.33 9.33
CA ALA B 150 -23.63 15.03 10.73
C ALA B 150 -23.18 16.21 11.58
N LYS B 151 -23.98 16.53 12.60
CA LYS B 151 -23.71 17.68 13.44
C LYS B 151 -24.07 17.33 14.87
N VAL B 152 -23.07 17.31 15.74
CA VAL B 152 -23.24 17.01 17.16
C VAL B 152 -23.16 18.31 17.96
N GLN B 153 -23.86 18.34 19.09
CA GLN B 153 -23.82 19.49 19.99
C GLN B 153 -24.16 19.02 21.40
N TRP B 154 -23.40 19.48 22.37
CA TRP B 154 -23.56 19.04 23.75
C TRP B 154 -24.27 20.11 24.58
N LYS B 155 -24.81 19.68 25.71
CA LYS B 155 -25.49 20.58 26.65
C LYS B 155 -25.16 20.14 28.07
N VAL B 156 -24.55 21.02 28.85
CA VAL B 156 -24.40 20.82 30.28
C VAL B 156 -25.40 21.76 30.95
N ASP B 157 -26.49 21.19 31.45
CA ASP B 157 -27.59 21.96 32.01
C ASP B 157 -28.08 23.01 30.99
N ASN B 158 -28.26 22.57 29.75
CA ASN B 158 -28.71 23.40 28.63
C ASN B 158 -27.74 24.56 28.39
N ALA B 159 -26.52 24.20 28.01
CA ALA B 159 -25.49 25.18 27.61
C ALA B 159 -24.73 24.60 26.43
N LEU B 160 -24.78 25.31 25.30
CA LEU B 160 -24.19 24.81 24.06
C LEU B 160 -22.68 25.04 24.09
N GLN B 161 -21.93 23.95 24.27
CA GLN B 161 -20.48 24.03 24.25
C GLN B 161 -19.96 24.27 22.84
N SER B 162 -18.81 24.94 22.75
CA SER B 162 -18.16 25.20 21.47
C SER B 162 -16.66 25.21 21.68
N GLY B 163 -15.97 24.27 21.02
CA GLY B 163 -14.52 24.20 21.10
C GLY B 163 -14.01 22.98 21.85
N ASN B 164 -14.67 22.63 22.94
CA ASN B 164 -14.27 21.48 23.76
C ASN B 164 -15.01 20.21 23.33
N SER B 165 -14.89 19.89 22.05
CA SER B 165 -15.52 18.70 21.49
C SER B 165 -14.75 18.29 20.25
N GLN B 166 -14.45 16.99 20.16
CA GLN B 166 -13.68 16.45 19.05
C GLN B 166 -14.46 15.36 18.34
N GLU B 167 -14.33 15.33 17.02
CA GLU B 167 -15.08 14.40 16.19
C GLU B 167 -14.15 13.41 15.49
N SER B 168 -14.65 12.20 15.29
CA SER B 168 -13.91 11.16 14.58
C SER B 168 -14.91 10.36 13.75
N VAL B 169 -14.73 10.38 12.43
CA VAL B 169 -15.68 9.77 11.49
C VAL B 169 -15.08 8.51 10.91
N THR B 170 -15.88 7.46 10.80
CA THR B 170 -15.42 6.20 10.27
C THR B 170 -15.34 6.25 8.74
N GLU B 171 -14.44 5.44 8.19
CA GLU B 171 -14.17 5.43 6.74
C GLU B 171 -15.12 4.49 6.01
N GLN B 172 -16.41 4.88 6.00
CA GLN B 172 -17.45 4.15 5.30
C GLN B 172 -17.56 2.72 5.82
N ASP B 173 -18.33 1.88 5.14
CA ASP B 173 -18.39 0.45 5.43
C ASP B 173 -18.37 -0.32 4.12
N SER B 174 -17.74 -1.49 4.14
CA SER B 174 -17.63 -2.34 2.96
C SER B 174 -18.79 -3.31 2.82
N LYS B 175 -19.86 -3.14 3.60
CA LYS B 175 -20.99 -4.04 3.54
C LYS B 175 -22.29 -3.28 3.35
N ASP B 176 -22.37 -2.06 3.86
CA ASP B 176 -23.58 -1.24 3.69
C ASP B 176 -23.27 0.22 3.38
N SER B 177 -22.00 0.60 3.22
CA SER B 177 -21.61 1.96 2.87
C SER B 177 -22.15 3.00 3.85
N THR B 178 -22.19 2.66 5.12
CA THR B 178 -22.66 3.57 6.16
C THR B 178 -21.47 4.23 6.85
N TYR B 179 -21.73 5.39 7.43
CA TYR B 179 -20.74 6.15 8.17
C TYR B 179 -21.05 6.11 9.66
N SER B 180 -20.00 6.16 10.47
CA SER B 180 -20.16 6.22 11.92
C SER B 180 -19.24 7.29 12.47
N LEU B 181 -19.66 7.93 13.55
CA LEU B 181 -18.98 9.09 14.10
C LEU B 181 -18.94 8.99 15.62
N SER B 182 -17.95 9.64 16.22
CA SER B 182 -17.85 9.75 17.67
C SER B 182 -17.49 11.17 18.04
N SER B 183 -18.13 11.67 19.09
CA SER B 183 -17.86 12.99 19.63
C SER B 183 -17.39 12.85 21.07
N THR B 184 -16.23 13.41 21.37
CA THR B 184 -15.64 13.34 22.70
C THR B 184 -15.63 14.74 23.31
N LEU B 185 -16.17 14.84 24.51
CA LEU B 185 -16.25 16.09 25.26
C LEU B 185 -15.34 15.96 26.48
N THR B 186 -14.23 16.68 26.47
CA THR B 186 -13.25 16.62 27.55
C THR B 186 -13.51 17.74 28.55
N LEU B 187 -13.59 17.37 29.83
CA LEU B 187 -13.83 18.33 30.90
C LEU B 187 -13.11 17.84 32.15
N SER B 188 -12.46 18.76 32.85
CA SER B 188 -11.73 18.38 34.06
C SER B 188 -12.69 17.90 35.14
N LYS B 189 -12.14 17.16 36.10
CA LYS B 189 -12.95 16.59 37.19
C LYS B 189 -13.69 17.67 37.95
N ALA B 190 -13.04 18.81 38.20
CA ALA B 190 -13.72 19.92 38.85
C ALA B 190 -14.86 20.43 37.98
N ASP B 191 -14.66 20.49 36.67
CA ASP B 191 -15.73 20.87 35.75
C ASP B 191 -16.79 19.80 35.65
N TYR B 192 -16.42 18.52 35.79
CA TYR B 192 -17.40 17.45 35.69
C TYR B 192 -18.34 17.44 36.89
N GLU B 193 -17.80 17.53 38.10
CA GLU B 193 -18.66 17.68 39.26
C GLU B 193 -19.17 19.12 39.38
N LYS B 194 -19.84 19.61 38.35
CA LYS B 194 -20.48 20.93 38.40
C LYS B 194 -21.88 20.95 37.80
N HIS B 195 -22.27 19.96 37.02
CA HIS B 195 -23.60 19.92 36.42
C HIS B 195 -24.12 18.50 36.44
N LYS B 196 -25.44 18.35 36.56
CA LYS B 196 -26.08 17.05 36.69
C LYS B 196 -26.86 16.64 35.46
N VAL B 197 -26.86 17.44 34.39
CA VAL B 197 -27.64 17.16 33.19
C VAL B 197 -26.68 17.23 32.00
N TYR B 198 -26.18 16.07 31.57
CA TYR B 198 -25.25 15.97 30.46
C TYR B 198 -26.01 15.43 29.26
N ALA B 199 -26.01 16.17 28.16
CA ALA B 199 -26.80 15.83 26.99
C ALA B 199 -25.95 15.84 25.73
N CYS B 200 -26.49 15.21 24.68
CA CYS B 200 -25.85 15.12 23.38
C CYS B 200 -26.95 15.05 22.34
N GLU B 201 -26.96 16.00 21.40
CA GLU B 201 -27.98 16.06 20.37
C GLU B 201 -27.34 16.15 19.00
N VAL B 202 -27.97 15.52 18.02
CA VAL B 202 -27.39 15.38 16.68
C VAL B 202 -28.45 15.71 15.64
N THR B 203 -28.02 16.38 14.58
CA THR B 203 -28.87 16.69 13.44
C THR B 203 -28.48 15.83 12.26
N HIS B 204 -29.46 15.16 11.66
CA HIS B 204 -29.23 14.30 10.52
C HIS B 204 -30.49 14.24 9.67
N GLN B 205 -30.32 13.79 8.42
CA GLN B 205 -31.46 13.70 7.51
C GLN B 205 -32.49 12.69 7.98
N GLY B 206 -32.02 11.56 8.54
CA GLY B 206 -32.93 10.48 8.91
C GLY B 206 -33.75 10.74 10.14
N LEU B 207 -33.49 11.84 10.86
CA LEU B 207 -34.24 12.18 12.06
C LEU B 207 -35.20 13.32 11.76
N SER B 208 -36.49 13.10 12.06
CA SER B 208 -37.48 14.15 11.84
C SER B 208 -37.18 15.38 12.68
N SER B 209 -36.81 15.18 13.94
CA SER B 209 -36.34 16.21 14.84
C SER B 209 -35.07 15.72 15.49
N PRO B 210 -34.20 16.63 15.93
CA PRO B 210 -32.95 16.19 16.59
C PRO B 210 -33.26 15.35 17.82
N VAL B 211 -32.47 14.30 18.01
CA VAL B 211 -32.65 13.35 19.10
C VAL B 211 -31.59 13.62 20.15
N THR B 212 -32.02 13.82 21.38
CA THR B 212 -31.12 14.13 22.48
C THR B 212 -31.04 12.94 23.42
N LYS B 213 -29.82 12.53 23.76
CA LYS B 213 -29.58 11.51 24.76
C LYS B 213 -28.81 12.13 25.91
N SER B 214 -29.23 11.81 27.14
CA SER B 214 -28.72 12.50 28.32
C SER B 214 -28.60 11.53 29.47
N PHE B 215 -27.81 11.93 30.46
CA PHE B 215 -27.63 11.13 31.67
C PHE B 215 -27.39 12.06 32.86
N ASN B 216 -26.95 11.49 33.98
CA ASN B 216 -26.65 12.24 35.17
C ASN B 216 -25.39 11.67 35.81
N ARG B 217 -24.80 12.44 36.73
CA ARG B 217 -23.56 12.03 37.39
C ARG B 217 -23.87 10.91 38.37
N GLY B 218 -23.72 9.67 37.91
CA GLY B 218 -24.00 8.52 38.74
C GLY B 218 -25.48 8.35 39.03
N GLU B 219 -26.31 9.13 38.34
CA GLU B 219 -27.77 9.17 38.50
C GLU B 219 -28.24 9.02 39.96
N GLU C 6 2.85 -16.96 1.75
CA GLU C 6 3.70 -17.10 0.57
C GLU C 6 4.74 -15.98 0.54
N VAL C 7 4.65 -15.13 -0.49
CA VAL C 7 5.56 -13.99 -0.63
C VAL C 7 5.04 -12.85 0.24
N GLN C 8 5.88 -12.38 1.15
CA GLN C 8 5.53 -11.29 2.05
C GLN C 8 6.67 -10.30 2.10
N LEU C 9 6.30 -9.01 2.28
CA LEU C 9 7.25 -7.92 2.45
C LEU C 9 6.88 -7.24 3.77
N GLN C 10 7.43 -7.75 4.87
CA GLN C 10 7.04 -7.29 6.19
C GLN C 10 7.85 -6.05 6.58
N GLN C 11 7.15 -4.99 6.98
CA GLN C 11 7.73 -3.76 7.49
C GLN C 11 7.40 -3.58 8.96
N PRO C 12 8.25 -2.88 9.72
CA PRO C 12 7.88 -2.57 11.10
C PRO C 12 6.73 -1.57 11.13
N GLY C 13 5.93 -1.65 12.19
CA GLY C 13 4.73 -0.85 12.30
C GLY C 13 4.98 0.65 12.29
N ALA C 14 5.66 1.15 13.32
CA ALA C 14 5.88 2.57 13.49
C ALA C 14 7.36 2.87 13.63
N GLU C 15 7.69 4.16 13.59
CA GLU C 15 9.07 4.60 13.74
C GLU C 15 9.05 6.04 14.22
N LEU C 16 9.42 6.27 15.48
CA LEU C 16 9.50 7.60 16.04
C LEU C 16 10.94 8.09 15.99
N VAL C 17 11.14 9.29 15.47
CA VAL C 17 12.47 9.82 15.21
C VAL C 17 12.52 11.28 15.64
N ARG C 18 13.59 11.66 16.33
CA ARG C 18 13.79 13.04 16.71
C ARG C 18 14.13 13.88 15.47
N PRO C 19 13.73 15.15 15.46
CA PRO C 19 13.99 15.97 14.27
C PRO C 19 15.47 16.29 14.13
N GLY C 20 15.89 16.52 12.88
CA GLY C 20 17.28 16.81 12.60
C GLY C 20 18.20 15.62 12.66
N ALA C 21 17.67 14.41 12.80
CA ALA C 21 18.48 13.22 12.88
C ALA C 21 18.05 12.20 11.84
N SER C 22 18.56 10.98 11.93
CA SER C 22 18.28 9.94 10.93
C SER C 22 17.60 8.76 11.58
N VAL C 23 16.72 8.11 10.81
CA VAL C 23 16.06 6.88 11.21
C VAL C 23 16.19 5.87 10.08
N LYS C 24 16.24 4.59 10.46
CA LYS C 24 16.41 3.50 9.51
C LYS C 24 15.28 2.50 9.69
N MET C 25 14.57 2.23 8.60
CA MET C 25 13.48 1.28 8.57
C MET C 25 13.99 -0.08 8.09
N SER C 26 13.07 -1.00 7.84
CA SER C 26 13.44 -2.31 7.34
C SER C 26 12.31 -2.89 6.52
N CYS C 27 12.64 -3.86 5.68
CA CYS C 27 11.65 -4.54 4.85
C CYS C 27 12.15 -5.95 4.59
N LYS C 28 11.59 -6.92 5.32
CA LYS C 28 12.02 -8.30 5.21
C LYS C 28 11.16 -9.02 4.18
N ALA C 29 11.82 -9.63 3.19
CA ALA C 29 11.14 -10.29 2.09
C ALA C 29 11.25 -11.80 2.26
N SER C 30 10.12 -12.48 2.19
CA SER C 30 10.09 -13.94 2.34
C SER C 30 9.22 -14.54 1.26
N GLY C 31 9.52 -15.80 0.93
CA GLY C 31 8.74 -16.54 -0.03
C GLY C 31 9.29 -16.59 -1.44
N TYR C 32 10.48 -16.06 -1.68
CA TYR C 32 11.07 -16.10 -3.00
C TYR C 32 12.57 -15.84 -2.89
N THR C 33 13.28 -16.09 -3.98
CA THR C 33 14.70 -15.76 -4.06
C THR C 33 14.90 -14.26 -3.95
N PHE C 34 15.55 -13.82 -2.87
CA PHE C 34 15.62 -12.39 -2.57
C PHE C 34 16.32 -11.61 -3.67
N THR C 35 17.48 -12.09 -4.10
CA THR C 35 18.27 -11.36 -5.10
C THR C 35 17.82 -11.66 -6.52
N ILE C 36 16.52 -11.55 -6.76
CA ILE C 36 15.98 -11.82 -8.10
C ILE C 36 15.03 -10.74 -8.60
N TYR C 37 14.43 -9.92 -7.73
CA TYR C 37 13.43 -8.95 -8.14
C TYR C 37 13.75 -7.58 -7.54
N ASN C 38 13.31 -6.54 -8.24
CA ASN C 38 13.53 -5.18 -7.77
C ASN C 38 12.62 -4.85 -6.60
N LEU C 39 13.18 -4.24 -5.58
CA LEU C 39 12.42 -3.74 -4.43
C LEU C 39 12.31 -2.24 -4.54
N HIS C 40 11.08 -1.73 -4.48
CA HIS C 40 10.82 -0.30 -4.58
C HIS C 40 10.34 0.23 -3.24
N TRP C 41 10.53 1.53 -3.04
CA TRP C 41 10.04 2.20 -1.84
C TRP C 41 9.14 3.35 -2.27
N VAL C 42 8.11 3.63 -1.46
CA VAL C 42 7.12 4.64 -1.79
C VAL C 42 6.61 5.25 -0.49
N LYS C 43 6.08 6.47 -0.59
CA LYS C 43 5.53 7.19 0.56
C LYS C 43 4.12 7.66 0.25
N GLN C 44 3.30 7.76 1.29
CA GLN C 44 1.91 8.16 1.13
C GLN C 44 1.56 9.24 2.15
N THR C 45 0.89 10.29 1.68
CA THR C 45 0.46 11.40 2.52
C THR C 45 -0.97 11.77 2.17
N PRO C 46 -1.70 12.39 3.10
CA PRO C 46 -2.98 13.00 2.74
C PRO C 46 -2.84 14.08 1.68
N ARG C 47 -1.64 14.65 1.53
CA ARG C 47 -1.32 15.59 0.47
C ARG C 47 -1.07 14.83 -0.82
N GLN C 48 -0.42 15.48 -1.79
CA GLN C 48 -0.22 14.92 -3.13
C GLN C 48 0.14 13.44 -3.08
N GLY C 49 -0.39 12.70 -4.05
CA GLY C 49 -0.43 11.25 -4.02
C GLY C 49 0.90 10.53 -3.88
N LEU C 50 0.83 9.19 -3.89
CA LEU C 50 1.97 8.31 -3.67
C LEU C 50 3.19 8.79 -4.44
N GLU C 51 4.31 8.91 -3.73
CA GLU C 51 5.56 9.38 -4.31
C GLU C 51 6.56 8.25 -4.31
N TRP C 52 7.03 7.85 -5.50
CA TRP C 52 7.97 6.75 -5.62
C TRP C 52 9.34 7.17 -5.08
N ILE C 53 9.76 6.54 -3.98
CA ILE C 53 11.01 6.92 -3.33
C ILE C 53 12.20 6.51 -4.18
N GLY C 54 12.24 5.25 -4.61
CA GLY C 54 13.38 4.77 -5.35
C GLY C 54 13.36 3.26 -5.49
N THR C 55 14.43 2.74 -6.07
CA THR C 55 14.51 1.34 -6.44
C THR C 55 15.80 0.72 -5.90
N ILE C 56 15.82 -0.60 -5.87
CA ILE C 56 17.03 -1.36 -5.56
C ILE C 56 16.94 -2.75 -6.16
N TYR C 57 18.00 -3.18 -6.83
CA TYR C 57 18.08 -4.55 -7.32
C TYR C 57 19.04 -5.31 -6.42
N PRO C 58 18.57 -6.19 -5.55
CA PRO C 58 19.45 -6.80 -4.55
C PRO C 58 20.60 -7.61 -5.12
N GLY C 59 20.45 -8.09 -6.36
CA GLY C 59 21.46 -8.97 -6.92
C GLY C 59 22.73 -8.24 -7.35
N ASP C 60 22.64 -6.92 -7.49
CA ASP C 60 23.77 -6.12 -7.93
C ASP C 60 24.02 -4.88 -7.10
N GLY C 61 23.06 -4.41 -6.31
CA GLY C 61 23.22 -3.16 -5.59
C GLY C 61 22.85 -1.92 -6.37
N ASP C 62 22.25 -2.07 -7.56
CA ASP C 62 21.85 -0.93 -8.34
C ASP C 62 20.68 -0.21 -7.68
N THR C 63 20.87 1.07 -7.39
CA THR C 63 19.84 1.92 -6.80
C THR C 63 19.57 3.09 -7.75
N SER C 64 18.35 3.63 -7.67
CA SER C 64 18.04 4.86 -8.39
C SER C 64 16.90 5.56 -7.67
N TYR C 65 17.06 6.87 -7.45
CA TYR C 65 16.16 7.66 -6.63
C TYR C 65 15.32 8.59 -7.51
N ASN C 66 14.27 9.17 -6.93
CA ASN C 66 13.24 9.77 -7.78
C ASN C 66 13.74 10.95 -8.60
N GLN C 67 13.78 12.15 -8.00
CA GLN C 67 14.75 13.18 -8.37
C GLN C 67 14.90 14.15 -7.21
N LYS C 68 14.12 13.93 -6.16
CA LYS C 68 13.92 14.93 -5.12
C LYS C 68 14.07 14.37 -3.72
N PHE C 69 13.84 13.07 -3.54
CA PHE C 69 14.26 12.38 -2.32
C PHE C 69 15.66 11.80 -2.55
N LYS C 70 16.55 12.67 -3.01
CA LYS C 70 17.88 12.27 -3.45
C LYS C 70 18.92 12.37 -2.34
N GLY C 71 18.92 13.45 -1.56
CA GLY C 71 19.83 13.58 -0.45
C GLY C 71 19.22 13.09 0.84
N LYS C 72 18.04 12.48 0.73
CA LYS C 72 17.31 11.97 1.88
C LYS C 72 17.15 10.47 1.88
N ALA C 73 17.21 9.82 0.72
CA ALA C 73 16.98 8.39 0.59
C ALA C 73 18.29 7.69 0.23
N THR C 74 18.60 6.62 0.95
CA THR C 74 19.72 5.75 0.61
C THR C 74 19.25 4.31 0.84
N LEU C 75 19.02 3.58 -0.25
CA LEU C 75 18.49 2.22 -0.19
C LEU C 75 19.65 1.23 -0.23
N THR C 76 19.80 0.44 0.83
CA THR C 76 20.83 -0.59 0.88
C THR C 76 20.23 -1.90 1.35
N VAL C 77 20.71 -3.01 0.77
CA VAL C 77 20.26 -4.33 1.15
C VAL C 77 21.42 -5.09 1.76
N ASP C 78 21.08 -6.15 2.49
CA ASP C 78 22.08 -6.98 3.14
C ASP C 78 22.31 -8.33 2.46
N LYS C 79 21.28 -8.88 1.81
CA LYS C 79 21.33 -10.09 1.01
C LYS C 79 21.57 -11.34 1.87
N SER C 80 21.84 -11.18 3.16
CA SER C 80 22.09 -12.32 4.04
C SER C 80 20.86 -12.74 4.81
N SER C 81 20.12 -11.79 5.39
CA SER C 81 18.88 -12.07 6.09
C SER C 81 17.66 -11.69 5.26
N SER C 82 17.85 -11.39 3.98
CA SER C 82 16.77 -11.07 3.04
C SER C 82 15.98 -9.84 3.51
N THR C 83 16.69 -8.72 3.65
CA THR C 83 16.10 -7.47 4.08
C THR C 83 16.58 -6.32 3.20
N ALA C 84 15.71 -5.32 3.08
CA ALA C 84 16.02 -4.07 2.39
C ALA C 84 15.85 -2.93 3.37
N TYR C 85 16.77 -1.95 3.33
CA TYR C 85 16.87 -0.92 4.33
C TYR C 85 16.83 0.46 3.70
N MET C 86 16.06 1.34 4.35
CA MET C 86 16.00 2.75 4.05
C MET C 86 16.50 3.55 5.25
N GLN C 87 17.38 4.51 5.00
CA GLN C 87 17.84 5.43 6.03
C GLN C 87 17.55 6.85 5.56
N LEU C 88 16.94 7.65 6.43
CA LEU C 88 16.46 8.98 6.07
C LEU C 88 17.39 10.02 6.69
N SER C 89 17.96 10.88 5.85
CA SER C 89 19.00 11.81 6.26
C SER C 89 18.43 13.21 6.46
N ASN C 90 18.83 13.84 7.56
CA ASN C 90 18.40 15.20 7.93
C ASN C 90 16.88 15.31 7.87
N LEU C 91 16.23 14.51 8.70
CA LEU C 91 14.79 14.30 8.58
C LEU C 91 14.04 15.41 9.28
N THR C 92 13.19 16.11 8.53
CA THR C 92 12.42 17.24 9.03
C THR C 92 10.96 16.84 9.23
N SER C 93 10.14 17.82 9.60
CA SER C 93 8.76 17.54 9.98
C SER C 93 7.85 17.25 8.79
N GLU C 94 8.26 17.63 7.58
CA GLU C 94 7.45 17.35 6.40
C GLU C 94 7.62 15.93 5.90
N ASP C 95 8.51 15.15 6.50
CA ASP C 95 8.74 13.75 6.12
C ASP C 95 8.04 12.79 7.05
N SER C 96 6.86 13.16 7.57
CA SER C 96 6.06 12.29 8.41
C SER C 96 4.96 11.69 7.55
N ALA C 97 5.00 10.37 7.36
CA ALA C 97 4.12 9.71 6.41
C ALA C 97 4.23 8.20 6.59
N VAL C 98 3.43 7.46 5.83
CA VAL C 98 3.46 6.01 5.83
C VAL C 98 4.28 5.55 4.62
N TYR C 99 5.28 4.71 4.88
CA TYR C 99 6.21 4.25 3.86
C TYR C 99 5.94 2.78 3.54
N PHE C 100 5.87 2.46 2.25
CA PHE C 100 5.63 1.11 1.77
C PHE C 100 6.85 0.61 1.00
N CYS C 101 7.22 -0.64 1.23
CA CYS C 101 8.18 -1.34 0.38
C CYS C 101 7.44 -2.38 -0.44
N ALA C 102 7.71 -2.42 -1.73
CA ALA C 102 6.96 -3.27 -2.63
C ALA C 102 7.91 -3.97 -3.60
N ARG C 103 7.38 -4.93 -4.33
CA ARG C 103 8.15 -5.73 -5.27
C ARG C 103 7.41 -5.80 -6.60
N GLU C 104 8.17 -5.93 -7.67
CA GLU C 104 7.57 -6.10 -8.99
C GLU C 104 6.97 -7.49 -9.14
N GLY C 105 6.12 -7.65 -10.14
CA GLY C 105 5.48 -8.92 -10.38
C GLY C 105 6.44 -9.95 -10.94
N ASP C 106 5.99 -11.20 -10.92
CA ASP C 106 6.82 -12.29 -11.41
C ASP C 106 7.00 -12.26 -12.93
N TYR C 107 6.13 -11.53 -13.64
CA TYR C 107 6.22 -11.52 -15.10
C TYR C 107 6.01 -10.13 -15.67
N GLY C 108 6.22 -9.09 -14.87
CA GLY C 108 6.06 -7.73 -15.36
C GLY C 108 6.49 -6.67 -14.36
N PRO C 109 6.60 -5.42 -14.83
CA PRO C 109 7.02 -4.31 -13.96
C PRO C 109 5.82 -3.63 -13.28
N TRP C 110 5.09 -4.40 -12.48
CA TRP C 110 3.95 -3.89 -11.75
C TRP C 110 4.09 -4.18 -10.27
N PHE C 111 3.52 -3.28 -9.46
CA PHE C 111 3.80 -3.20 -8.03
C PHE C 111 3.01 -4.31 -7.32
N ALA C 112 3.46 -5.54 -7.54
CA ALA C 112 2.65 -6.71 -7.21
C ALA C 112 2.37 -6.80 -5.71
N TYR C 113 3.41 -7.04 -4.91
CA TYR C 113 3.26 -7.25 -3.48
C TYR C 113 3.80 -6.05 -2.72
N TRP C 114 3.05 -5.62 -1.70
CA TRP C 114 3.38 -4.45 -0.91
C TRP C 114 3.65 -4.87 0.53
N GLY C 115 3.82 -3.86 1.39
CA GLY C 115 4.00 -4.08 2.81
C GLY C 115 2.94 -3.34 3.62
N GLN C 116 2.92 -3.63 4.92
CA GLN C 116 1.97 -2.98 5.81
C GLN C 116 2.23 -1.48 5.89
N GLY C 117 3.50 -1.08 5.97
CA GLY C 117 3.85 0.32 5.99
C GLY C 117 4.35 0.83 7.32
N THR C 118 5.52 1.46 7.31
CA THR C 118 6.08 2.08 8.51
C THR C 118 5.56 3.51 8.59
N LEU C 119 4.86 3.83 9.66
CA LEU C 119 4.25 5.14 9.81
C LEU C 119 5.21 6.00 10.62
N VAL C 120 6.02 6.79 9.92
CA VAL C 120 7.04 7.63 10.54
C VAL C 120 6.41 8.97 10.92
N THR C 121 6.60 9.36 12.18
CA THR C 121 6.19 10.66 12.69
C THR C 121 7.39 11.37 13.29
N VAL C 122 7.64 12.58 12.83
CA VAL C 122 8.77 13.38 13.29
C VAL C 122 8.29 14.25 14.44
N SER C 123 8.92 14.09 15.60
CA SER C 123 8.53 14.85 16.80
C SER C 123 9.66 14.77 17.80
N ALA C 124 9.47 15.43 18.94
CA ALA C 124 10.42 15.41 20.03
C ALA C 124 9.89 14.75 21.29
N ALA C 125 8.58 14.67 21.46
CA ALA C 125 8.00 14.08 22.66
C ALA C 125 8.29 12.58 22.72
N SER C 126 8.59 12.10 23.92
CA SER C 126 8.87 10.69 24.11
C SER C 126 7.59 9.86 23.99
N THR C 127 7.78 8.56 23.82
CA THR C 127 6.65 7.65 23.72
C THR C 127 5.88 7.61 25.03
N LYS C 128 4.57 7.46 24.93
CA LYS C 128 3.71 7.32 26.10
C LYS C 128 2.71 6.21 25.85
N GLY C 129 2.49 5.40 26.89
CA GLY C 129 1.60 4.27 26.78
C GLY C 129 0.14 4.67 26.79
N PRO C 130 -0.69 3.90 26.11
CA PRO C 130 -2.12 4.26 26.04
C PRO C 130 -2.86 3.88 27.31
N SER C 131 -3.67 4.81 27.80
CA SER C 131 -4.57 4.56 28.92
C SER C 131 -5.91 4.16 28.34
N VAL C 132 -6.44 3.03 28.79
CA VAL C 132 -7.62 2.42 28.20
C VAL C 132 -8.75 2.44 29.22
N PHE C 133 -9.88 3.01 28.83
CA PHE C 133 -10.99 3.16 29.77
C PHE C 133 -12.24 2.47 29.23
N PRO C 134 -13.06 1.89 30.10
CA PRO C 134 -14.24 1.16 29.62
C PRO C 134 -15.46 2.04 29.39
N LEU C 135 -16.00 2.03 28.17
CA LEU C 135 -17.24 2.71 27.83
C LEU C 135 -18.38 1.72 28.02
N ALA C 136 -19.10 1.86 29.14
CA ALA C 136 -20.03 0.85 29.57
C ALA C 136 -21.29 0.84 28.71
N PRO C 137 -22.02 -0.28 28.68
CA PRO C 137 -23.28 -0.30 27.91
C PRO C 137 -24.30 0.73 28.37
N SER C 138 -24.66 0.73 29.66
CA SER C 138 -25.65 1.66 30.21
C SER C 138 -26.97 1.55 29.46
N SER C 139 -27.61 0.39 29.64
CA SER C 139 -28.83 -0.01 28.94
C SER C 139 -29.79 1.16 28.77
N LYS C 140 -30.24 1.36 27.54
CA LYS C 140 -31.09 2.51 27.18
C LYS C 140 -32.55 2.17 27.48
N SER C 141 -32.90 2.25 28.77
CA SER C 141 -34.26 2.06 29.24
C SER C 141 -34.84 0.72 28.80
N THR C 142 -35.61 0.72 27.72
CA THR C 142 -36.27 -0.50 27.28
C THR C 142 -35.27 -1.56 26.84
N SER C 143 -34.17 -1.14 26.20
CA SER C 143 -33.10 -2.04 25.72
C SER C 143 -33.75 -3.04 24.77
N GLY C 144 -33.47 -4.33 24.88
CA GLY C 144 -34.06 -5.32 24.00
C GLY C 144 -33.61 -5.19 22.56
N GLY C 145 -32.35 -4.88 22.32
CA GLY C 145 -31.84 -4.72 20.97
C GLY C 145 -30.33 -4.51 20.94
N THR C 146 -29.87 -3.58 20.13
CA THR C 146 -28.46 -3.27 20.09
C THR C 146 -28.07 -2.43 21.30
N ALA C 147 -26.97 -2.81 21.94
CA ALA C 147 -26.44 -2.11 23.12
C ALA C 147 -24.93 -2.04 22.96
N ALA C 148 -24.46 -0.95 22.37
CA ALA C 148 -23.04 -0.83 22.07
C ALA C 148 -22.22 -0.64 23.34
N LEU C 149 -21.03 -1.23 23.33
CA LEU C 149 -20.06 -1.06 24.41
C LEU C 149 -18.69 -0.87 23.78
N GLY C 150 -17.81 -0.16 24.49
CA GLY C 150 -16.55 0.14 23.86
C GLY C 150 -15.44 0.38 24.86
N CYS C 151 -14.30 0.82 24.35
CA CYS C 151 -13.20 1.26 25.19
C CYS C 151 -12.46 2.40 24.50
N LEU C 152 -12.05 3.37 25.32
CA LEU C 152 -11.43 4.60 24.86
C LEU C 152 -9.92 4.55 25.10
N VAL C 153 -9.16 4.83 24.05
CA VAL C 153 -7.70 4.85 24.11
C VAL C 153 -7.29 6.31 24.17
N LYS C 154 -6.83 6.75 25.34
CA LYS C 154 -6.50 8.14 25.59
C LYS C 154 -5.04 8.25 26.01
N ASP C 155 -4.41 9.37 25.63
CA ASP C 155 -3.05 9.71 26.03
C ASP C 155 -2.05 8.68 25.50
N TYR C 156 -2.01 8.52 24.19
CA TYR C 156 -0.95 7.78 23.52
C TYR C 156 -0.42 8.64 22.39
N PHE C 157 0.88 8.87 22.37
CA PHE C 157 1.39 9.75 21.33
C PHE C 157 1.53 9.05 19.97
N PRO C 158 2.32 7.99 19.84
CA PRO C 158 2.67 7.52 18.50
C PRO C 158 1.63 6.58 17.91
N GLU C 159 1.26 6.84 16.66
CA GLU C 159 0.49 5.87 15.89
C GLU C 159 1.39 4.72 15.47
N PRO C 160 0.80 3.55 15.16
CA PRO C 160 -0.61 3.19 15.30
C PRO C 160 -0.86 2.32 16.52
N VAL C 161 -2.04 2.43 17.12
CA VAL C 161 -2.46 1.55 18.20
C VAL C 161 -3.55 0.63 17.65
N THR C 162 -3.37 -0.67 17.84
CA THR C 162 -4.25 -1.66 17.26
C THR C 162 -5.19 -2.21 18.33
N VAL C 163 -6.49 -2.13 18.08
CA VAL C 163 -7.50 -2.62 19.00
C VAL C 163 -8.20 -3.82 18.39
N SER C 164 -8.33 -4.89 19.16
CA SER C 164 -9.02 -6.09 18.73
C SER C 164 -9.93 -6.55 19.86
N TRP C 165 -11.16 -6.91 19.53
CA TRP C 165 -12.11 -7.30 20.57
C TRP C 165 -12.16 -8.81 20.70
N ASN C 166 -12.16 -9.28 21.95
CA ASN C 166 -12.14 -10.71 22.27
C ASN C 166 -10.97 -11.42 21.62
N SER C 167 -9.83 -10.73 21.55
CA SER C 167 -8.58 -11.29 21.03
C SER C 167 -8.74 -11.81 19.59
N GLY C 168 -9.06 -10.88 18.70
CA GLY C 168 -9.20 -11.21 17.29
C GLY C 168 -10.35 -12.15 16.98
N ALA C 169 -11.45 -12.02 17.70
CA ALA C 169 -12.63 -12.84 17.47
C ALA C 169 -13.84 -12.04 17.05
N LEU C 170 -14.18 -10.98 17.79
CA LEU C 170 -15.37 -10.18 17.52
C LEU C 170 -15.05 -9.13 16.46
N THR C 171 -15.11 -9.54 15.20
CA THR C 171 -15.05 -8.62 14.08
C THR C 171 -16.43 -8.16 13.63
N SER C 172 -17.48 -8.68 14.25
CA SER C 172 -18.86 -8.35 13.86
C SER C 172 -19.25 -7.01 14.48
N GLY C 173 -19.45 -6.01 13.62
CA GLY C 173 -19.93 -4.73 14.08
C GLY C 173 -18.92 -3.91 14.86
N VAL C 174 -17.64 -4.19 14.72
CA VAL C 174 -16.61 -3.42 15.40
C VAL C 174 -16.33 -2.15 14.61
N HIS C 175 -16.07 -1.05 15.32
CA HIS C 175 -15.74 0.22 14.71
C HIS C 175 -14.57 0.83 15.46
N THR C 176 -13.53 1.23 14.72
CA THR C 176 -12.34 1.86 15.27
C THR C 176 -12.14 3.19 14.55
N PHE C 177 -12.61 4.26 15.18
CA PHE C 177 -12.51 5.59 14.59
C PHE C 177 -11.05 6.04 14.57
N PRO C 178 -10.66 6.87 13.60
CA PRO C 178 -9.26 7.26 13.49
C PRO C 178 -8.83 8.20 14.61
N ALA C 179 -7.53 8.23 14.83
CA ALA C 179 -6.96 9.00 15.93
C ALA C 179 -7.18 10.49 15.71
N VAL C 180 -7.33 11.22 16.82
CA VAL C 180 -7.47 12.67 16.82
C VAL C 180 -6.42 13.25 17.75
N LEU C 181 -5.79 14.34 17.30
CA LEU C 181 -4.78 15.05 18.08
C LEU C 181 -5.48 15.99 19.05
N GLN C 182 -5.42 15.68 20.34
CA GLN C 182 -6.00 16.58 21.33
C GLN C 182 -4.99 17.68 21.68
N SER C 183 -5.48 18.68 22.41
CA SER C 183 -4.63 19.84 22.71
C SER C 183 -3.70 19.54 23.88
N SER C 184 -2.97 18.43 23.78
CA SER C 184 -1.93 18.10 24.76
C SER C 184 -0.73 17.45 24.10
N GLY C 185 -0.59 17.53 22.78
CA GLY C 185 0.46 16.82 22.08
C GLY C 185 0.29 15.31 22.12
N LEU C 186 -0.94 14.82 22.03
CA LEU C 186 -1.23 13.40 22.13
C LEU C 186 -2.38 13.05 21.19
N TYR C 187 -2.46 11.77 20.86
CA TYR C 187 -3.54 11.23 20.04
C TYR C 187 -4.50 10.42 20.91
N SER C 188 -5.74 10.32 20.45
CA SER C 188 -6.73 9.54 21.17
C SER C 188 -7.76 8.99 20.18
N LEU C 189 -8.38 7.87 20.56
CA LEU C 189 -9.42 7.27 19.74
C LEU C 189 -10.30 6.40 20.63
N SER C 190 -11.24 5.70 20.00
CA SER C 190 -12.14 4.81 20.72
C SER C 190 -12.53 3.65 19.79
N SER C 191 -12.85 2.52 20.41
CA SER C 191 -13.30 1.34 19.68
C SER C 191 -14.62 0.87 20.28
N VAL C 192 -15.64 0.74 19.45
CA VAL C 192 -16.97 0.38 19.94
C VAL C 192 -17.53 -0.77 19.13
N VAL C 193 -18.29 -1.63 19.80
CA VAL C 193 -18.92 -2.79 19.17
C VAL C 193 -20.37 -2.85 19.60
N THR C 194 -21.27 -3.08 18.66
CA THR C 194 -22.67 -3.26 18.94
C THR C 194 -22.96 -4.75 19.13
N VAL C 195 -23.52 -5.10 20.28
CA VAL C 195 -23.76 -6.50 20.64
C VAL C 195 -25.21 -6.65 21.05
N PRO C 196 -25.76 -7.86 20.95
CA PRO C 196 -27.14 -8.08 21.39
C PRO C 196 -27.30 -7.80 22.87
N SER C 197 -28.45 -7.21 23.21
CA SER C 197 -28.74 -6.85 24.59
C SER C 197 -28.81 -8.05 25.52
N SER C 198 -29.04 -9.25 24.98
CA SER C 198 -29.10 -10.45 25.81
C SER C 198 -27.72 -10.91 26.25
N SER C 199 -26.70 -10.69 25.41
CA SER C 199 -25.36 -11.16 25.74
C SER C 199 -24.77 -10.41 26.94
N LEU C 200 -25.25 -9.19 27.20
CA LEU C 200 -24.76 -8.42 28.34
C LEU C 200 -25.10 -9.15 29.64
N GLY C 201 -24.12 -9.25 30.52
CA GLY C 201 -24.29 -9.97 31.76
C GLY C 201 -24.18 -11.48 31.64
N THR C 202 -23.90 -11.99 30.43
CA THR C 202 -23.73 -13.42 30.24
C THR C 202 -22.56 -13.76 29.31
N GLN C 203 -21.84 -12.77 28.79
CA GLN C 203 -20.76 -13.00 27.84
C GLN C 203 -19.60 -12.08 28.21
N THR C 204 -18.38 -12.60 28.11
CA THR C 204 -17.19 -11.85 28.49
C THR C 204 -16.72 -10.98 27.33
N TYR C 205 -16.66 -9.67 27.56
CA TYR C 205 -16.28 -8.72 26.52
C TYR C 205 -14.96 -8.08 26.91
N ILE C 206 -13.95 -8.24 26.06
CA ILE C 206 -12.60 -7.76 26.31
C ILE C 206 -12.11 -7.01 25.09
N CYS C 207 -11.50 -5.84 25.30
CA CYS C 207 -10.82 -5.13 24.22
C CYS C 207 -9.33 -5.13 24.51
N ASN C 208 -8.55 -5.56 23.52
CA ASN C 208 -7.09 -5.64 23.62
C ASN C 208 -6.51 -4.50 22.80
N VAL C 209 -5.68 -3.69 23.46
CA VAL C 209 -5.05 -2.52 22.85
C VAL C 209 -3.55 -2.76 22.82
N ASN C 210 -2.97 -2.67 21.63
CA ASN C 210 -1.57 -2.98 21.42
C ASN C 210 -0.86 -1.74 20.87
N HIS C 211 0.24 -1.37 21.51
CA HIS C 211 1.04 -0.20 21.18
C HIS C 211 2.48 -0.68 20.98
N LYS C 212 2.83 -0.90 19.70
CA LYS C 212 4.19 -1.33 19.36
C LYS C 212 5.25 -0.27 19.68
N PRO C 213 5.09 1.01 19.32
CA PRO C 213 6.13 1.99 19.64
C PRO C 213 6.43 2.15 21.11
N SER C 214 5.51 1.75 21.99
CA SER C 214 5.76 1.79 23.43
C SER C 214 5.80 0.41 24.06
N ASN C 215 5.63 -0.66 23.28
CA ASN C 215 5.73 -2.03 23.77
C ASN C 215 4.75 -2.28 24.92
N THR C 216 3.49 -1.92 24.70
CA THR C 216 2.46 -2.11 25.72
C THR C 216 1.24 -2.78 25.13
N LYS C 217 0.90 -3.96 25.63
CA LYS C 217 -0.37 -4.62 25.33
C LYS C 217 -1.20 -4.62 26.59
N VAL C 218 -2.48 -4.27 26.46
CA VAL C 218 -3.36 -4.13 27.61
C VAL C 218 -4.72 -4.70 27.26
N ASP C 219 -5.39 -5.26 28.26
CA ASP C 219 -6.71 -5.87 28.08
C ASP C 219 -7.70 -5.23 29.04
N LYS C 220 -8.86 -4.84 28.52
CA LYS C 220 -9.90 -4.22 29.32
C LYS C 220 -11.17 -5.05 29.27
N LYS C 221 -11.80 -5.21 30.43
CA LYS C 221 -13.04 -5.96 30.58
C LYS C 221 -14.21 -4.98 30.64
N VAL C 222 -14.71 -4.59 29.48
CA VAL C 222 -15.88 -3.73 29.40
C VAL C 222 -17.11 -4.54 29.78
N GLU C 223 -17.77 -4.13 30.86
CA GLU C 223 -18.88 -4.87 31.43
C GLU C 223 -20.03 -3.92 31.74
N PRO C 224 -21.25 -4.42 31.81
CA PRO C 224 -22.38 -3.56 32.19
C PRO C 224 -22.24 -3.03 33.60
N LYS C 225 -22.16 -1.71 33.72
CA LYS C 225 -22.03 -1.06 35.01
C LYS C 225 -23.28 -1.35 35.83
N SER C 226 -23.08 -1.84 37.05
CA SER C 226 -24.18 -2.20 37.95
C SER C 226 -24.27 -1.19 39.08
N CYS C 227 -25.49 -0.70 39.34
CA CYS C 227 -25.72 0.29 40.39
C CYS C 227 -25.46 -0.28 41.77
#